data_6WYP
#
_entry.id   6WYP
#
_cell.length_a   66.029
_cell.length_b   95.170
_cell.length_c   119.710
_cell.angle_alpha   90.000
_cell.angle_beta   90.000
_cell.angle_gamma   90.000
#
_symmetry.space_group_name_H-M   'C 2 2 21'
#
loop_
_entity.id
_entity.type
_entity.pdbx_description
1 polymer 'Histone deacetylase 6'
2 non-polymer 'ZINC ION'
3 non-polymer 'POTASSIUM ION'
4 non-polymer N~1~-(4-{4-[(hex-5-ynoyl)amino]benzene-1-carbonyl}phenyl)-N~8~-hydroxyoctanediamide
5 water water
#
_entity_poly.entity_id   1
_entity_poly.type   'polypeptide(L)'
_entity_poly.pdbx_seq_one_letter_code
;MGSSHHHHHHSSGLVPRGSHMTGTGLVYVDAFTRFHCLWDASHPECPARVSTVMEMLETEGLLGRCVQVEARAVTEDELL
LVHTKEYVELMKSTQNMTEEELKTLAEKYDSVYLHPGFFSSACLSVGSVLQLVDKVMTSQLRNGFSINRPPGHHAQADKM
NGFCMFNNLAIAARYAQKRHRVQRVLIVDWDVHHGQGIQYIFEEDPSVLYFSVHRYEDGSFWPHLKESDSSSVGSGAGQG
YNINLPWNKVGMESGDYITAFQQLLLPVAYEFQPQLVLVAAGFDAVIGDPLGGMQVSPECFSILTHMLKGVAQGRLVLAL
EGGYNLQSTAEGVCASMRSLLGDPCPHLPSSGAPCESALKSISKTISDLYPFWKSLQTFE
;
_entity_poly.pdbx_strand_id   A
#
# COMPACT_ATOMS: atom_id res chain seq x y z
N MET A 21 8.97 10.84 21.12
CA MET A 21 8.48 10.10 19.95
C MET A 21 8.02 11.06 18.87
N THR A 22 8.94 11.86 18.34
CA THR A 22 8.62 12.92 17.39
C THR A 22 9.43 12.72 16.11
N GLY A 23 8.92 13.31 15.04
CA GLY A 23 9.61 13.28 13.75
C GLY A 23 8.88 12.41 12.74
N THR A 24 9.08 12.73 11.46
CA THR A 24 8.50 11.98 10.36
C THR A 24 9.61 11.47 9.46
N GLY A 25 9.67 10.16 9.28
CA GLY A 25 10.73 9.56 8.49
C GLY A 25 10.46 9.57 7.00
N LEU A 26 11.53 9.70 6.22
CA LEU A 26 11.47 9.71 4.77
C LEU A 26 12.64 8.89 4.24
N VAL A 27 12.35 7.87 3.45
CA VAL A 27 13.36 6.97 2.90
C VAL A 27 13.31 7.05 1.38
N TYR A 28 14.43 7.44 0.77
CA TYR A 28 14.55 7.46 -0.68
C TYR A 28 16.01 7.25 -1.06
N VAL A 29 16.25 6.30 -1.97
CA VAL A 29 17.58 6.05 -2.49
C VAL A 29 17.50 5.98 -4.01
N ASP A 30 18.59 6.39 -4.67
CA ASP A 30 18.61 6.48 -6.12
C ASP A 30 18.39 5.12 -6.77
N ALA A 31 18.73 4.04 -6.08
CA ALA A 31 18.51 2.70 -6.62
C ALA A 31 17.06 2.47 -7.01
N PHE A 32 16.13 3.24 -6.44
CA PHE A 32 14.73 3.15 -6.86
C PHE A 32 14.53 3.59 -8.30
N THR A 33 15.46 4.39 -8.84
CA THR A 33 15.37 4.87 -10.22
C THR A 33 16.26 4.09 -11.18
N ARG A 34 16.93 3.04 -10.71
CA ARG A 34 17.93 2.33 -11.51
C ARG A 34 17.41 0.98 -11.99
N PHE A 35 16.14 0.94 -12.38
CA PHE A 35 15.56 -0.21 -13.07
C PHE A 35 14.32 0.28 -13.81
N HIS A 36 14.09 -0.26 -15.00
CA HIS A 36 13.00 0.18 -15.84
C HIS A 36 12.64 -0.96 -16.80
N CYS A 37 11.59 -0.75 -17.58
CA CYS A 37 11.15 -1.74 -18.55
C CYS A 37 11.98 -1.59 -19.83
N LEU A 38 12.67 -2.67 -20.21
CA LEU A 38 13.59 -2.60 -21.33
C LEU A 38 12.88 -2.62 -22.68
N TRP A 39 11.81 -3.43 -22.80
CA TRP A 39 11.11 -3.59 -24.06
C TRP A 39 9.93 -2.64 -24.22
N ASP A 40 9.78 -1.66 -23.33
CA ASP A 40 8.67 -0.72 -23.43
C ASP A 40 9.09 0.57 -22.71
N ALA A 41 9.41 1.60 -23.49
CA ALA A 41 9.83 2.88 -22.93
C ALA A 41 8.69 3.69 -22.35
N SER A 42 7.44 3.30 -22.59
CA SER A 42 6.28 4.00 -22.08
C SER A 42 5.55 3.19 -21.00
N HIS A 43 6.23 2.24 -20.37
CA HIS A 43 5.62 1.49 -19.29
C HIS A 43 5.32 2.42 -18.12
N PRO A 44 4.12 2.33 -17.52
CA PRO A 44 3.76 3.31 -16.48
C PRO A 44 4.56 3.17 -15.21
N GLU A 45 5.05 1.98 -14.88
CA GLU A 45 5.86 1.78 -13.68
C GLU A 45 7.31 2.08 -14.04
N CYS A 46 7.64 3.36 -13.99
CA CYS A 46 8.90 3.91 -14.48
C CYS A 46 9.64 4.64 -13.36
N PRO A 47 10.93 4.90 -13.52
CA PRO A 47 11.68 5.64 -12.47
C PRO A 47 11.18 7.05 -12.24
N ALA A 48 10.51 7.66 -13.23
CA ALA A 48 10.01 9.02 -13.07
C ALA A 48 8.92 9.13 -12.01
N ARG A 49 8.33 8.01 -11.58
CA ARG A 49 7.29 8.07 -10.55
C ARG A 49 7.86 8.58 -9.24
N VAL A 50 8.98 8.00 -8.79
CA VAL A 50 9.53 8.38 -7.49
C VAL A 50 10.38 9.64 -7.59
N SER A 51 10.97 9.91 -8.76
CA SER A 51 11.77 11.11 -8.91
C SER A 51 10.90 12.36 -8.95
N THR A 52 9.72 12.28 -9.58
CA THR A 52 8.80 13.40 -9.57
C THR A 52 8.24 13.65 -8.17
N VAL A 53 8.05 12.60 -7.38
CA VAL A 53 7.57 12.77 -6.02
C VAL A 53 8.60 13.52 -5.18
N MET A 54 9.87 13.13 -5.30
CA MET A 54 10.92 13.79 -4.52
C MET A 54 11.08 15.25 -4.92
N GLU A 55 10.95 15.55 -6.21
CA GLU A 55 11.05 16.93 -6.67
C GLU A 55 9.97 17.80 -6.02
N MET A 56 8.73 17.31 -5.99
CA MET A 56 7.64 18.10 -5.43
C MET A 56 7.75 18.24 -3.92
N LEU A 57 8.19 17.18 -3.23
CA LEU A 57 8.43 17.28 -1.80
C LEU A 57 9.49 18.32 -1.49
N GLU A 58 10.50 18.46 -2.36
CA GLU A 58 11.54 19.46 -2.16
C GLU A 58 11.03 20.85 -2.47
N THR A 59 10.31 21.01 -3.60
CA THR A 59 9.82 22.34 -3.98
C THR A 59 8.74 22.83 -3.02
N GLU A 60 7.94 21.92 -2.45
CA GLU A 60 6.93 22.31 -1.48
C GLU A 60 7.47 22.49 -0.07
N GLY A 61 8.79 22.31 0.12
CA GLY A 61 9.38 22.48 1.43
C GLY A 61 9.07 21.37 2.42
N LEU A 62 8.47 20.27 1.96
CA LEU A 62 8.15 19.18 2.88
C LEU A 62 9.33 18.25 3.10
N LEU A 63 10.18 18.07 2.10
CA LEU A 63 11.30 17.14 2.23
C LEU A 63 12.26 17.57 3.32
N GLY A 64 12.56 18.87 3.40
CA GLY A 64 13.46 19.37 4.42
C GLY A 64 12.93 19.23 5.84
N ARG A 65 11.62 19.08 5.99
CA ARG A 65 11.00 18.95 7.31
C ARG A 65 10.97 17.51 7.81
N CYS A 66 11.43 16.55 7.01
CA CYS A 66 11.40 15.15 7.38
C CYS A 66 12.77 14.70 7.88
N VAL A 67 12.75 13.69 8.75
CA VAL A 67 13.98 13.05 9.22
C VAL A 67 14.36 11.99 8.18
N GLN A 68 15.37 12.29 7.38
CA GLN A 68 15.81 11.36 6.36
C GLN A 68 16.37 10.10 6.99
N VAL A 69 15.83 8.94 6.58
CA VAL A 69 16.26 7.64 7.07
C VAL A 69 16.86 6.87 5.92
N GLU A 70 18.00 6.23 6.16
CA GLU A 70 18.66 5.46 5.12
C GLU A 70 18.00 4.09 5.00
N ALA A 71 18.05 3.54 3.79
CA ALA A 71 17.45 2.25 3.50
C ALA A 71 18.45 1.13 3.80
N ARG A 72 18.00 -0.11 3.60
CA ARG A 72 18.86 -1.27 3.79
C ARG A 72 18.29 -2.42 2.97
N ALA A 73 19.17 -3.33 2.57
CA ALA A 73 18.72 -4.50 1.82
C ALA A 73 18.03 -5.48 2.76
N VAL A 74 17.01 -6.15 2.24
CA VAL A 74 16.27 -7.13 3.04
C VAL A 74 17.02 -8.45 2.99
N THR A 75 17.18 -9.07 4.16
CA THR A 75 17.91 -10.32 4.25
C THR A 75 17.05 -11.49 3.77
N GLU A 76 17.72 -12.60 3.48
CA GLU A 76 16.99 -13.81 3.11
C GLU A 76 16.11 -14.30 4.26
N ASP A 77 16.52 -14.06 5.50
CA ASP A 77 15.70 -14.42 6.64
C ASP A 77 14.41 -13.62 6.67
N GLU A 78 14.49 -12.32 6.39
CA GLU A 78 13.29 -11.49 6.38
C GLU A 78 12.42 -11.80 5.18
N LEU A 79 13.04 -12.00 4.01
CA LEU A 79 12.28 -12.33 2.81
C LEU A 79 11.52 -13.64 2.97
N LEU A 80 12.08 -14.59 3.71
CA LEU A 80 11.44 -15.89 3.92
C LEU A 80 10.23 -15.80 4.85
N LEU A 81 9.94 -14.62 5.41
CA LEU A 81 8.79 -14.51 6.30
C LEU A 81 7.47 -14.67 5.55
N VAL A 82 7.43 -14.31 4.27
CA VAL A 82 6.25 -14.52 3.44
C VAL A 82 6.54 -15.30 2.17
N HIS A 83 7.77 -15.34 1.68
CA HIS A 83 8.09 -16.00 0.43
C HIS A 83 8.68 -17.38 0.70
N THR A 84 8.95 -18.12 -0.37
CA THR A 84 9.58 -19.42 -0.31
C THR A 84 11.03 -19.31 -0.77
N LYS A 85 11.88 -20.16 -0.19
CA LYS A 85 13.30 -20.13 -0.55
C LYS A 85 13.51 -20.39 -2.04
N GLU A 86 12.66 -21.22 -2.65
CA GLU A 86 12.75 -21.46 -4.09
C GLU A 86 12.54 -20.18 -4.88
N TYR A 87 11.41 -19.51 -4.65
CA TYR A 87 11.09 -18.29 -5.38
C TYR A 87 12.12 -17.19 -5.11
N VAL A 88 12.59 -17.10 -3.86
CA VAL A 88 13.60 -16.11 -3.53
C VAL A 88 14.89 -16.36 -4.30
N GLU A 89 15.27 -17.63 -4.46
CA GLU A 89 16.48 -17.95 -5.21
C GLU A 89 16.31 -17.64 -6.69
N LEU A 90 15.13 -17.92 -7.24
CA LEU A 90 14.87 -17.59 -8.64
C LEU A 90 14.93 -16.08 -8.86
N MET A 91 14.38 -15.31 -7.93
CA MET A 91 14.44 -13.85 -8.05
C MET A 91 15.87 -13.36 -7.90
N LYS A 92 16.66 -13.98 -7.02
CA LYS A 92 18.08 -13.67 -6.95
C LYS A 92 18.80 -14.06 -8.23
N SER A 93 18.32 -15.10 -8.92
CA SER A 93 18.93 -15.56 -10.16
C SER A 93 18.61 -14.67 -11.35
N THR A 94 17.91 -13.55 -11.14
CA THR A 94 17.53 -12.67 -12.24
C THR A 94 18.53 -11.57 -12.52
N GLN A 95 19.40 -11.24 -11.58
CA GLN A 95 20.37 -10.17 -11.80
C GLN A 95 21.44 -10.57 -12.80
N ASN A 96 21.63 -11.87 -13.05
CA ASN A 96 22.64 -12.35 -13.98
C ASN A 96 22.03 -12.89 -15.26
N MET A 97 20.74 -12.68 -15.49
CA MET A 97 20.10 -13.12 -16.72
C MET A 97 20.29 -12.10 -17.83
N THR A 98 20.23 -12.58 -19.06
CA THR A 98 20.19 -11.71 -20.22
C THR A 98 18.76 -11.23 -20.46
N GLU A 99 18.61 -10.26 -21.36
CA GLU A 99 17.28 -9.68 -21.60
C GLU A 99 16.30 -10.74 -22.11
N GLU A 100 16.76 -11.65 -22.96
CA GLU A 100 15.90 -12.73 -23.40
C GLU A 100 15.52 -13.65 -22.25
N GLU A 101 16.43 -13.83 -21.28
CA GLU A 101 16.12 -14.65 -20.11
C GLU A 101 15.22 -13.91 -19.13
N LEU A 102 15.34 -12.59 -19.06
CA LEU A 102 14.44 -11.81 -18.20
C LEU A 102 13.03 -11.77 -18.78
N LYS A 103 12.92 -11.67 -20.10
CA LYS A 103 11.60 -11.57 -20.73
C LYS A 103 10.88 -12.91 -20.71
N THR A 104 11.61 -14.01 -20.93
CA THR A 104 10.98 -15.33 -20.92
C THR A 104 10.51 -15.71 -19.52
N LEU A 105 11.19 -15.21 -18.49
CA LEU A 105 10.73 -15.45 -17.12
C LEU A 105 9.56 -14.55 -16.75
N ALA A 106 9.62 -13.27 -17.16
CA ALA A 106 8.53 -12.34 -16.86
C ALA A 106 7.23 -12.79 -17.50
N GLU A 107 7.30 -13.32 -18.72
CA GLU A 107 6.10 -13.79 -19.41
C GLU A 107 5.39 -14.90 -18.65
N LYS A 108 6.11 -15.60 -17.77
CA LYS A 108 5.49 -16.61 -16.92
C LYS A 108 4.65 -16.00 -15.81
N TYR A 109 4.68 -14.68 -15.64
CA TYR A 109 3.90 -13.98 -14.63
C TYR A 109 2.88 -13.08 -15.29
N ASP A 110 1.96 -12.55 -14.48
CA ASP A 110 0.89 -11.70 -14.95
C ASP A 110 1.28 -10.25 -14.70
N SER A 111 1.49 -9.50 -15.79
CA SER A 111 1.73 -8.06 -15.76
C SER A 111 2.99 -7.72 -14.95
N VAL A 112 4.12 -8.17 -15.49
CA VAL A 112 5.40 -8.03 -14.81
C VAL A 112 6.48 -7.83 -15.87
N TYR A 113 7.40 -6.90 -15.61
CA TYR A 113 8.64 -6.79 -16.37
C TYR A 113 9.82 -7.01 -15.43
N LEU A 114 10.97 -7.35 -16.00
CA LEU A 114 12.17 -7.61 -15.23
C LEU A 114 13.35 -6.85 -15.83
N HIS A 115 14.44 -6.82 -15.05
CA HIS A 115 15.59 -5.97 -15.30
C HIS A 115 16.71 -6.46 -14.38
N PRO A 116 17.97 -6.43 -14.81
CA PRO A 116 19.04 -6.99 -13.97
C PRO A 116 19.15 -6.31 -12.60
N GLY A 117 18.81 -5.03 -12.51
CA GLY A 117 18.77 -4.33 -11.25
C GLY A 117 17.45 -4.34 -10.54
N PHE A 118 16.44 -5.01 -11.09
CA PHE A 118 15.12 -5.09 -10.46
C PHE A 118 15.23 -5.74 -9.08
N PHE A 119 15.87 -6.91 -9.01
CA PHE A 119 15.97 -7.63 -7.74
C PHE A 119 16.67 -6.80 -6.68
N SER A 120 17.74 -6.09 -7.07
CA SER A 120 18.45 -5.24 -6.12
C SER A 120 17.55 -4.16 -5.55
N SER A 121 16.86 -3.43 -6.43
CA SER A 121 15.98 -2.36 -5.97
C SER A 121 14.83 -2.91 -5.15
N ALA A 122 14.31 -4.09 -5.51
CA ALA A 122 13.24 -4.70 -4.75
C ALA A 122 13.68 -5.00 -3.32
N CYS A 123 14.94 -5.41 -3.14
CA CYS A 123 15.45 -5.68 -1.81
C CYS A 123 15.55 -4.41 -0.98
N LEU A 124 15.95 -3.30 -1.62
CA LEU A 124 15.96 -2.02 -0.91
C LEU A 124 14.56 -1.47 -0.73
N SER A 125 13.63 -1.85 -1.59
CA SER A 125 12.24 -1.46 -1.41
C SER A 125 11.65 -2.09 -0.16
N VAL A 126 11.94 -3.38 0.07
CA VAL A 126 11.44 -4.06 1.26
C VAL A 126 12.08 -3.51 2.51
N GLY A 127 13.42 -3.39 2.51
CA GLY A 127 14.11 -2.93 3.70
C GLY A 127 13.83 -1.48 4.04
N SER A 128 13.46 -0.67 3.03
CA SER A 128 13.10 0.71 3.31
C SER A 128 11.92 0.80 4.26
N VAL A 129 10.98 -0.14 4.14
CA VAL A 129 9.83 -0.14 5.04
C VAL A 129 10.23 -0.59 6.44
N LEU A 130 11.04 -1.64 6.53
CA LEU A 130 11.47 -2.16 7.83
C LEU A 130 12.32 -1.14 8.58
N GLN A 131 13.12 -0.35 7.85
CA GLN A 131 13.87 0.73 8.49
C GLN A 131 12.93 1.69 9.22
N LEU A 132 11.81 2.05 8.59
CA LEU A 132 10.84 2.91 9.25
C LEU A 132 10.10 2.17 10.35
N VAL A 133 9.92 0.85 10.20
CA VAL A 133 9.27 0.08 11.26
C VAL A 133 10.13 0.08 12.52
N ASP A 134 11.45 -0.06 12.35
CA ASP A 134 12.36 0.02 13.49
C ASP A 134 12.24 1.37 14.20
N LYS A 135 12.40 2.46 13.45
CA LYS A 135 12.42 3.79 14.05
C LYS A 135 11.08 4.14 14.68
N VAL A 136 9.98 3.63 14.15
CA VAL A 136 8.66 3.99 14.66
C VAL A 136 8.30 3.15 15.88
N MET A 137 8.54 1.83 15.82
CA MET A 137 8.19 0.97 16.94
C MET A 137 9.10 1.19 18.14
N THR A 138 10.27 1.81 17.96
CA THR A 138 11.15 2.17 19.05
C THR A 138 10.93 3.61 19.50
N SER A 139 9.88 4.27 19.02
CA SER A 139 9.51 5.63 19.42
C SER A 139 10.62 6.63 19.10
N GLN A 140 11.43 6.35 18.09
CA GLN A 140 12.39 7.33 17.62
C GLN A 140 11.75 8.31 16.64
N LEU A 141 10.78 7.83 15.86
CA LEU A 141 10.01 8.67 14.95
C LEU A 141 8.53 8.46 15.21
N ARG A 142 7.74 9.50 14.94
CA ARG A 142 6.30 9.39 15.10
C ARG A 142 5.66 8.60 13.97
N ASN A 143 6.14 8.81 12.73
CA ASN A 143 5.58 8.14 11.57
C ASN A 143 6.61 8.21 10.45
N GLY A 144 6.29 7.58 9.31
CA GLY A 144 7.24 7.55 8.22
C GLY A 144 6.59 7.26 6.89
N PHE A 145 7.36 7.51 5.83
CA PHE A 145 6.92 7.31 4.45
C PHE A 145 8.13 6.94 3.62
N SER A 146 8.10 5.78 2.98
CA SER A 146 9.16 5.35 2.08
C SER A 146 8.70 5.61 0.64
N ILE A 147 9.50 6.39 -0.09
CA ILE A 147 9.20 6.71 -1.48
C ILE A 147 9.89 5.67 -2.36
N ASN A 148 9.34 4.46 -2.38
CA ASN A 148 10.01 3.31 -2.94
C ASN A 148 9.29 2.77 -4.18
N ARG A 149 10.08 2.21 -5.09
CA ARG A 149 9.64 1.31 -6.14
C ARG A 149 10.69 0.23 -6.26
N PRO A 150 10.31 -1.00 -6.66
CA PRO A 150 9.00 -1.47 -7.13
C PRO A 150 7.92 -1.57 -6.04
N PRO A 151 6.65 -1.55 -6.45
CA PRO A 151 5.56 -1.76 -5.50
C PRO A 151 5.57 -3.17 -4.93
N GLY A 152 4.62 -3.49 -4.05
CA GLY A 152 4.69 -4.79 -3.39
C GLY A 152 3.40 -5.53 -3.11
N HIS A 153 2.26 -4.84 -3.07
CA HIS A 153 1.07 -5.48 -2.51
C HIS A 153 0.47 -6.57 -3.40
N HIS A 154 0.99 -6.78 -4.61
CA HIS A 154 0.54 -7.89 -5.44
C HIS A 154 1.45 -9.10 -5.37
N ALA A 155 2.69 -8.93 -4.95
CA ALA A 155 3.63 -10.04 -4.86
C ALA A 155 3.12 -11.10 -3.90
N GLN A 156 3.28 -12.35 -4.30
CA GLN A 156 2.80 -13.49 -3.53
C GLN A 156 3.98 -14.36 -3.11
N ALA A 157 3.67 -15.50 -2.49
CA ALA A 157 4.72 -16.29 -1.84
C ALA A 157 5.71 -16.86 -2.85
N ASP A 158 5.26 -17.23 -4.04
CA ASP A 158 6.15 -17.88 -5.01
C ASP A 158 5.93 -17.38 -6.43
N LYS A 159 5.60 -16.10 -6.59
CA LYS A 159 5.40 -15.55 -7.92
C LYS A 159 5.37 -14.02 -7.86
N MET A 160 5.79 -13.40 -8.96
CA MET A 160 5.59 -11.97 -9.14
C MET A 160 4.17 -11.70 -9.65
N ASN A 161 3.73 -10.47 -9.47
CA ASN A 161 2.41 -10.06 -9.95
C ASN A 161 2.32 -8.55 -9.91
N GLY A 162 1.56 -7.99 -10.86
CA GLY A 162 1.24 -6.57 -10.90
C GLY A 162 2.40 -5.63 -10.60
N PHE A 163 3.48 -5.73 -11.37
CA PHE A 163 4.68 -4.92 -11.26
C PHE A 163 5.43 -5.13 -9.94
N CYS A 164 5.06 -6.14 -9.16
CA CYS A 164 5.68 -6.38 -7.86
C CYS A 164 6.52 -7.65 -7.90
N MET A 165 7.65 -7.62 -7.21
CA MET A 165 8.46 -8.82 -6.98
C MET A 165 8.34 -9.35 -5.56
N PHE A 166 8.51 -8.48 -4.57
CA PHE A 166 8.39 -8.85 -3.17
C PHE A 166 7.32 -8.01 -2.48
N ASN A 167 6.63 -8.61 -1.52
CA ASN A 167 5.53 -7.95 -0.83
C ASN A 167 6.09 -7.14 0.33
N ASN A 168 6.29 -5.84 0.11
CA ASN A 168 6.96 -5.00 1.09
C ASN A 168 6.20 -4.97 2.42
N LEU A 169 4.89 -4.72 2.36
CA LEU A 169 4.13 -4.54 3.59
C LEU A 169 3.84 -5.86 4.29
N ALA A 170 3.61 -6.93 3.52
CA ALA A 170 3.38 -8.24 4.14
C ALA A 170 4.62 -8.71 4.88
N ILE A 171 5.80 -8.41 4.32
CA ILE A 171 7.05 -8.70 5.04
C ILE A 171 7.14 -7.82 6.29
N ALA A 172 6.81 -6.54 6.17
CA ALA A 172 6.96 -5.62 7.29
C ALA A 172 6.04 -5.97 8.44
N ALA A 173 4.83 -6.45 8.13
CA ALA A 173 3.89 -6.84 9.17
C ALA A 173 4.45 -8.01 9.98
N ARG A 174 4.93 -9.05 9.28
CA ARG A 174 5.52 -10.19 9.98
C ARG A 174 6.85 -9.83 10.64
N TYR A 175 7.62 -8.93 10.03
CA TYR A 175 8.87 -8.48 10.64
C TYR A 175 8.62 -7.80 11.97
N ALA A 176 7.66 -6.87 12.00
CA ALA A 176 7.34 -6.17 13.24
C ALA A 176 6.80 -7.12 14.30
N GLN A 177 6.07 -8.15 13.88
CA GLN A 177 5.57 -9.13 14.84
C GLN A 177 6.69 -9.93 15.46
N LYS A 178 7.68 -10.34 14.65
CA LYS A 178 8.78 -11.15 15.16
C LYS A 178 9.84 -10.29 15.84
N ARG A 179 10.29 -9.23 15.17
CA ARG A 179 11.40 -8.43 15.69
C ARG A 179 10.96 -7.50 16.83
N HIS A 180 9.71 -7.02 16.80
CA HIS A 180 9.27 -6.00 17.76
C HIS A 180 8.11 -6.47 18.63
N ARG A 181 7.80 -7.76 18.64
CA ARG A 181 6.79 -8.35 19.53
C ARG A 181 5.40 -7.75 19.32
N VAL A 182 5.14 -7.17 18.15
CA VAL A 182 3.83 -6.64 17.86
C VAL A 182 2.82 -7.78 17.73
N GLN A 183 1.65 -7.60 18.34
CA GLN A 183 0.61 -8.60 18.29
C GLN A 183 -0.46 -8.33 17.24
N ARG A 184 -0.75 -7.06 16.95
CA ARG A 184 -1.82 -6.70 16.02
C ARG A 184 -1.32 -5.63 15.07
N VAL A 185 -1.32 -5.94 13.78
CA VAL A 185 -0.91 -5.01 12.73
C VAL A 185 -2.13 -4.74 11.85
N LEU A 186 -2.33 -3.46 11.51
CA LEU A 186 -3.37 -3.05 10.59
C LEU A 186 -2.73 -2.62 9.27
N ILE A 187 -3.21 -3.18 8.17
CA ILE A 187 -2.74 -2.83 6.83
C ILE A 187 -3.90 -2.18 6.09
N VAL A 188 -3.71 -0.91 5.71
CA VAL A 188 -4.71 -0.15 4.98
C VAL A 188 -4.22 0.02 3.55
N ASP A 189 -4.98 -0.50 2.60
CA ASP A 189 -4.62 -0.47 1.18
C ASP A 189 -5.59 0.45 0.46
N TRP A 190 -5.19 1.71 0.27
CA TRP A 190 -6.02 2.66 -0.45
C TRP A 190 -5.60 2.83 -1.90
N ASP A 191 -4.68 2.00 -2.38
CA ASP A 191 -4.43 1.89 -3.81
C ASP A 191 -5.72 1.52 -4.53
N VAL A 192 -5.79 1.86 -5.81
CA VAL A 192 -7.02 1.59 -6.56
C VAL A 192 -7.15 0.11 -6.92
N HIS A 193 -6.05 -0.66 -6.84
CA HIS A 193 -6.08 -2.08 -7.15
C HIS A 193 -6.15 -2.90 -5.87
N HIS A 194 -6.92 -3.98 -5.91
CA HIS A 194 -7.00 -4.89 -4.77
C HIS A 194 -5.66 -5.58 -4.57
N GLY A 195 -5.08 -5.44 -3.38
CA GLY A 195 -3.84 -6.12 -3.08
C GLY A 195 -4.06 -7.57 -2.73
N GLN A 196 -4.36 -8.39 -3.74
CA GLN A 196 -4.65 -9.81 -3.49
C GLN A 196 -3.45 -10.54 -2.91
N GLY A 197 -2.24 -10.01 -3.08
CA GLY A 197 -1.08 -10.62 -2.47
C GLY A 197 -1.13 -10.56 -0.95
N ILE A 198 -1.41 -9.37 -0.41
CA ILE A 198 -1.50 -9.22 1.05
C ILE A 198 -2.69 -10.03 1.58
N GLN A 199 -3.80 -10.04 0.84
CA GLN A 199 -4.96 -10.81 1.28
C GLN A 199 -4.65 -12.29 1.34
N TYR A 200 -3.86 -12.80 0.39
CA TYR A 200 -3.53 -14.22 0.38
C TYR A 200 -2.57 -14.58 1.50
N ILE A 201 -1.57 -13.73 1.75
CA ILE A 201 -0.55 -14.05 2.75
C ILE A 201 -1.15 -14.09 4.15
N PHE A 202 -2.21 -13.32 4.41
CA PHE A 202 -2.83 -13.24 5.72
C PHE A 202 -4.28 -13.69 5.71
N GLU A 203 -4.64 -14.62 4.82
CA GLU A 203 -6.05 -14.98 4.66
C GLU A 203 -6.61 -15.62 5.93
N GLU A 204 -5.79 -16.35 6.69
CA GLU A 204 -6.23 -17.00 7.91
C GLU A 204 -5.57 -16.43 9.16
N ASP A 205 -4.80 -15.36 9.03
CA ASP A 205 -4.10 -14.76 10.16
C ASP A 205 -4.99 -13.69 10.79
N PRO A 206 -5.41 -13.86 12.05
CA PRO A 206 -6.18 -12.81 12.73
C PRO A 206 -5.34 -11.72 13.38
N SER A 207 -4.01 -11.84 13.36
CA SER A 207 -3.12 -10.85 13.95
C SER A 207 -2.71 -9.75 12.97
N VAL A 208 -3.07 -9.88 11.69
CA VAL A 208 -2.77 -8.88 10.68
C VAL A 208 -4.09 -8.55 9.98
N LEU A 209 -4.71 -7.44 10.35
CA LEU A 209 -5.98 -7.03 9.74
C LEU A 209 -5.69 -6.29 8.44
N TYR A 210 -6.21 -6.80 7.33
CA TYR A 210 -5.99 -6.22 6.01
C TYR A 210 -7.29 -5.59 5.52
N PHE A 211 -7.26 -4.28 5.28
CA PHE A 211 -8.37 -3.57 4.68
C PHE A 211 -7.94 -3.09 3.29
N SER A 212 -8.82 -3.27 2.32
CA SER A 212 -8.56 -2.84 0.95
C SER A 212 -9.82 -2.22 0.37
N VAL A 213 -9.70 -0.98 -0.07
CA VAL A 213 -10.71 -0.34 -0.91
C VAL A 213 -10.12 -0.23 -2.31
N HIS A 214 -10.89 -0.63 -3.32
CA HIS A 214 -10.31 -0.77 -4.65
C HIS A 214 -11.42 -0.73 -5.69
N ARG A 215 -11.03 -0.40 -6.92
CA ARG A 215 -11.91 -0.53 -8.06
C ARG A 215 -12.14 -2.00 -8.37
N TYR A 216 -13.39 -2.35 -8.65
CA TYR A 216 -13.75 -3.75 -8.87
C TYR A 216 -14.66 -3.89 -10.08
N GLU A 217 -15.75 -3.12 -10.11
CA GLU A 217 -16.73 -3.17 -11.19
C GLU A 217 -17.20 -4.60 -11.44
N ASP A 218 -17.64 -5.26 -10.37
CA ASP A 218 -18.16 -6.62 -10.37
C ASP A 218 -17.15 -7.63 -10.92
N GLY A 219 -15.88 -7.26 -11.04
CA GLY A 219 -14.85 -8.16 -11.52
C GLY A 219 -14.28 -7.80 -12.88
N SER A 220 -14.81 -6.77 -13.54
CA SER A 220 -14.33 -6.38 -14.86
C SER A 220 -13.06 -5.54 -14.80
N PHE A 221 -12.53 -5.27 -13.61
CA PHE A 221 -11.31 -4.51 -13.43
C PHE A 221 -10.22 -5.41 -12.86
N TRP A 222 -9.00 -5.26 -13.38
CA TRP A 222 -7.89 -6.09 -12.96
C TRP A 222 -7.73 -6.00 -11.44
N PRO A 223 -7.39 -7.12 -10.76
CA PRO A 223 -7.03 -8.44 -11.27
C PRO A 223 -8.19 -9.39 -11.62
N HIS A 224 -9.41 -8.87 -11.73
CA HIS A 224 -10.58 -9.66 -12.13
C HIS A 224 -10.74 -10.91 -11.28
N LEU A 225 -10.82 -10.71 -9.96
CA LEU A 225 -10.88 -11.82 -9.02
C LEU A 225 -12.14 -11.72 -8.17
N LYS A 226 -12.80 -12.87 -7.97
CA LYS A 226 -13.94 -12.92 -7.06
C LYS A 226 -13.50 -12.73 -5.61
N GLU A 227 -12.24 -13.06 -5.30
CA GLU A 227 -11.70 -12.86 -3.96
C GLU A 227 -11.55 -11.39 -3.60
N SER A 228 -11.74 -10.49 -4.55
CA SER A 228 -11.72 -9.06 -4.28
C SER A 228 -13.06 -8.51 -3.84
N ASP A 229 -14.12 -9.33 -3.89
CA ASP A 229 -15.43 -8.91 -3.42
C ASP A 229 -15.44 -8.88 -1.88
N SER A 230 -16.44 -8.20 -1.33
CA SER A 230 -16.54 -8.04 0.11
C SER A 230 -16.83 -9.35 0.83
N SER A 231 -17.26 -10.39 0.12
CA SER A 231 -17.60 -11.66 0.75
C SER A 231 -16.38 -12.51 1.08
N SER A 232 -15.16 -12.06 0.76
CA SER A 232 -13.94 -12.79 1.11
C SER A 232 -13.42 -12.22 2.44
N VAL A 233 -14.08 -12.62 3.53
CA VAL A 233 -13.85 -12.04 4.84
C VAL A 233 -12.77 -12.82 5.59
N GLY A 234 -11.94 -13.54 4.86
CA GLY A 234 -10.94 -14.40 5.48
C GLY A 234 -11.55 -15.71 5.96
N SER A 235 -10.67 -16.65 6.27
CA SER A 235 -11.09 -18.01 6.62
C SER A 235 -10.35 -18.49 7.86
N GLY A 236 -10.90 -19.53 8.48
CA GLY A 236 -10.25 -20.14 9.63
C GLY A 236 -10.20 -19.18 10.80
N ALA A 237 -9.02 -19.09 11.41
CA ALA A 237 -8.84 -18.16 12.53
C ALA A 237 -9.00 -16.72 12.09
N GLY A 238 -8.64 -16.40 10.85
CA GLY A 238 -8.73 -15.05 10.35
C GLY A 238 -10.08 -14.71 9.76
N GLN A 239 -11.14 -15.41 10.18
CA GLN A 239 -12.49 -15.12 9.72
C GLN A 239 -12.93 -13.77 10.26
N GLY A 240 -13.11 -12.80 9.36
CA GLY A 240 -13.45 -11.44 9.76
C GLY A 240 -12.28 -10.49 9.79
N TYR A 241 -11.06 -10.96 9.54
CA TYR A 241 -9.87 -10.13 9.54
C TYR A 241 -9.40 -9.79 8.14
N ASN A 242 -10.28 -9.88 7.15
CA ASN A 242 -10.01 -9.44 5.78
C ASN A 242 -11.22 -8.67 5.30
N ILE A 243 -11.04 -7.38 5.04
CA ILE A 243 -12.15 -6.50 4.66
C ILE A 243 -11.86 -5.94 3.28
N ASN A 244 -12.74 -6.24 2.32
CA ASN A 244 -12.64 -5.72 0.96
C ASN A 244 -13.80 -4.76 0.73
N LEU A 245 -13.48 -3.54 0.32
CA LEU A 245 -14.48 -2.56 -0.09
C LEU A 245 -14.38 -2.38 -1.60
N PRO A 246 -15.16 -3.13 -2.38
CA PRO A 246 -15.05 -3.04 -3.84
C PRO A 246 -15.97 -2.00 -4.45
N TRP A 247 -15.39 -1.02 -5.16
CA TRP A 247 -16.21 -0.11 -5.93
C TRP A 247 -16.74 -0.80 -7.18
N ASN A 248 -17.91 -0.37 -7.64
CA ASN A 248 -18.50 -0.93 -8.85
C ASN A 248 -18.94 0.15 -9.83
N LYS A 249 -18.59 1.41 -9.56
CA LYS A 249 -18.78 2.50 -10.50
C LYS A 249 -17.56 3.39 -10.44
N VAL A 250 -17.06 3.80 -11.60
CA VAL A 250 -15.89 4.67 -11.67
C VAL A 250 -16.29 6.07 -11.21
N GLY A 251 -15.31 6.92 -10.98
CA GLY A 251 -15.57 8.30 -10.60
C GLY A 251 -15.75 8.54 -9.12
N MET A 252 -15.35 7.60 -8.27
CA MET A 252 -15.46 7.80 -6.82
C MET A 252 -14.65 9.02 -6.40
N GLU A 253 -15.17 9.76 -5.44
CA GLU A 253 -14.57 11.02 -5.01
C GLU A 253 -14.19 10.94 -3.53
N SER A 254 -13.77 12.08 -2.97
CA SER A 254 -13.25 12.10 -1.62
C SER A 254 -14.31 11.74 -0.59
N GLY A 255 -15.55 12.21 -0.81
CA GLY A 255 -16.62 11.89 0.13
C GLY A 255 -16.89 10.41 0.24
N ASP A 256 -16.64 9.65 -0.84
CA ASP A 256 -16.84 8.21 -0.80
C ASP A 256 -15.78 7.54 0.06
N TYR A 257 -14.53 8.02 0.00
CA TYR A 257 -13.47 7.43 0.80
C TYR A 257 -13.58 7.86 2.26
N ILE A 258 -13.91 9.13 2.50
CA ILE A 258 -14.07 9.62 3.87
C ILE A 258 -15.20 8.87 4.56
N THR A 259 -16.35 8.73 3.88
CA THR A 259 -17.44 7.94 4.43
C THR A 259 -17.01 6.50 4.64
N ALA A 260 -16.24 5.95 3.70
CA ALA A 260 -15.76 4.57 3.83
C ALA A 260 -14.89 4.42 5.07
N PHE A 261 -13.95 5.33 5.26
CA PHE A 261 -13.07 5.25 6.43
C PHE A 261 -13.85 5.47 7.72
N GLN A 262 -14.81 6.39 7.70
CA GLN A 262 -15.49 6.77 8.94
C GLN A 262 -16.49 5.71 9.41
N GLN A 263 -17.13 5.00 8.49
CA GLN A 263 -18.17 4.05 8.85
C GLN A 263 -17.71 2.60 8.82
N LEU A 264 -16.53 2.32 8.25
CA LEU A 264 -16.10 0.93 8.08
C LEU A 264 -14.73 0.68 8.67
N LEU A 265 -13.70 1.34 8.14
CA LEU A 265 -12.34 1.05 8.56
C LEU A 265 -12.08 1.52 9.99
N LEU A 266 -12.32 2.80 10.26
CA LEU A 266 -12.00 3.35 11.58
C LEU A 266 -12.78 2.69 12.72
N PRO A 267 -14.09 2.42 12.60
CA PRO A 267 -14.75 1.65 13.67
C PRO A 267 -14.10 0.30 13.93
N VAL A 268 -13.81 -0.45 12.87
CA VAL A 268 -13.12 -1.74 13.03
C VAL A 268 -11.71 -1.53 13.54
N ALA A 269 -11.06 -0.43 13.16
CA ALA A 269 -9.69 -0.18 13.59
C ALA A 269 -9.62 0.04 15.11
N TYR A 270 -10.52 0.86 15.64
CA TYR A 270 -10.51 1.11 17.08
C TYR A 270 -10.89 -0.14 17.88
N GLU A 271 -11.77 -0.97 17.33
CA GLU A 271 -12.11 -2.22 17.99
C GLU A 271 -10.97 -3.22 17.90
N PHE A 272 -10.25 -3.22 16.77
CA PHE A 272 -9.13 -4.14 16.59
C PHE A 272 -7.94 -3.75 17.47
N GLN A 273 -7.75 -2.46 17.73
CA GLN A 273 -6.66 -1.93 18.55
C GLN A 273 -5.31 -2.43 18.07
N PRO A 274 -4.85 -2.02 16.89
CA PRO A 274 -3.52 -2.43 16.43
C PRO A 274 -2.43 -1.62 17.11
N GLN A 275 -1.22 -2.17 17.06
CA GLN A 275 -0.04 -1.48 17.58
C GLN A 275 0.83 -0.90 16.47
N LEU A 276 0.50 -1.17 15.21
CA LEU A 276 1.22 -0.62 14.08
C LEU A 276 0.27 -0.57 12.89
N VAL A 277 0.29 0.55 12.17
CA VAL A 277 -0.51 0.74 10.97
C VAL A 277 0.45 0.88 9.80
N LEU A 278 0.29 0.01 8.81
CA LEU A 278 1.03 0.07 7.56
C LEU A 278 0.05 0.41 6.44
N VAL A 279 0.39 1.40 5.63
CA VAL A 279 -0.48 1.87 4.56
C VAL A 279 0.15 1.52 3.23
N ALA A 280 -0.60 0.77 2.42
CA ALA A 280 -0.25 0.55 1.02
C ALA A 280 -0.63 1.83 0.27
N ALA A 281 0.29 2.80 0.31
CA ALA A 281 -0.01 4.16 -0.15
C ALA A 281 0.23 4.26 -1.64
N GLY A 282 -0.72 3.70 -2.41
CA GLY A 282 -0.79 3.97 -3.82
C GLY A 282 -1.67 5.17 -4.10
N PHE A 283 -1.44 5.82 -5.24
CA PHE A 283 -2.18 7.03 -5.56
C PHE A 283 -2.76 6.99 -6.97
N ASP A 284 -3.13 5.79 -7.42
CA ASP A 284 -3.78 5.65 -8.72
C ASP A 284 -5.29 5.90 -8.66
N ALA A 285 -5.83 6.20 -7.48
CA ALA A 285 -7.21 6.64 -7.38
C ALA A 285 -7.36 8.16 -7.45
N VAL A 286 -6.25 8.90 -7.51
CA VAL A 286 -6.30 10.36 -7.63
C VAL A 286 -6.80 10.75 -9.01
N ILE A 287 -7.35 11.97 -9.12
CA ILE A 287 -7.69 12.56 -10.41
C ILE A 287 -6.55 12.42 -11.40
N GLY A 288 -6.90 12.01 -12.59
CA GLY A 288 -5.99 12.08 -13.70
C GLY A 288 -5.13 10.87 -13.85
N ASP A 289 -5.24 9.90 -12.95
CA ASP A 289 -4.45 8.68 -13.10
C ASP A 289 -4.88 7.94 -14.36
N PRO A 290 -3.93 7.40 -15.14
CA PRO A 290 -4.30 6.71 -16.38
C PRO A 290 -4.97 5.36 -16.16
N LEU A 291 -4.98 4.83 -14.94
CA LEU A 291 -5.49 3.49 -14.70
C LEU A 291 -6.66 3.45 -13.73
N GLY A 292 -6.67 4.30 -12.70
CA GLY A 292 -7.64 4.15 -11.64
C GLY A 292 -9.06 4.50 -12.06
N GLY A 293 -9.21 5.54 -12.88
CA GLY A 293 -10.53 5.99 -13.26
C GLY A 293 -11.38 6.54 -12.13
N MET A 294 -10.75 7.01 -11.05
CA MET A 294 -11.46 7.52 -9.89
C MET A 294 -11.32 9.03 -9.82
N GLN A 295 -12.14 9.65 -8.98
CA GLN A 295 -12.15 11.10 -8.92
C GLN A 295 -11.84 11.63 -7.51
N VAL A 296 -10.80 11.07 -6.89
CA VAL A 296 -10.40 11.49 -5.55
C VAL A 296 -9.37 12.60 -5.68
N SER A 297 -9.62 13.71 -4.99
CA SER A 297 -8.66 14.80 -4.95
C SER A 297 -7.45 14.42 -4.10
N PRO A 298 -6.27 14.94 -4.43
CA PRO A 298 -5.08 14.62 -3.60
C PRO A 298 -5.22 15.06 -2.16
N GLU A 299 -5.88 16.19 -1.91
CA GLU A 299 -6.05 16.68 -0.54
C GLU A 299 -6.83 15.71 0.33
N CYS A 300 -7.60 14.80 -0.27
CA CYS A 300 -8.34 13.82 0.51
C CYS A 300 -7.41 12.93 1.33
N PHE A 301 -6.22 12.63 0.79
CA PHE A 301 -5.30 11.75 1.49
C PHE A 301 -4.67 12.41 2.71
N SER A 302 -4.76 13.73 2.83
CA SER A 302 -4.47 14.37 4.11
C SER A 302 -5.51 14.01 5.16
N ILE A 303 -6.77 13.84 4.75
CA ILE A 303 -7.82 13.47 5.67
C ILE A 303 -7.71 12.00 6.06
N LEU A 304 -7.48 11.13 5.07
CA LEU A 304 -7.35 9.70 5.37
C LEU A 304 -6.14 9.43 6.25
N THR A 305 -5.02 10.09 5.97
CA THR A 305 -3.84 9.94 6.82
C THR A 305 -4.10 10.43 8.23
N HIS A 306 -4.80 11.56 8.36
CA HIS A 306 -5.09 12.11 9.68
C HIS A 306 -5.94 11.16 10.51
N MET A 307 -6.95 10.55 9.90
CA MET A 307 -7.79 9.59 10.60
C MET A 307 -6.95 8.44 11.16
N LEU A 308 -6.02 7.91 10.35
CA LEU A 308 -5.19 6.80 10.77
C LEU A 308 -4.21 7.14 11.88
N LYS A 309 -3.99 8.43 12.16
CA LYS A 309 -3.07 8.81 13.22
C LYS A 309 -3.67 8.67 14.61
N GLY A 310 -5.00 8.63 14.72
CA GLY A 310 -5.64 8.40 16.00
C GLY A 310 -5.62 6.97 16.47
N VAL A 311 -5.00 6.08 15.70
CA VAL A 311 -4.96 4.66 15.99
C VAL A 311 -3.51 4.25 16.22
N ALA A 312 -3.30 3.32 17.15
CA ALA A 312 -1.99 2.73 17.42
C ALA A 312 -0.98 3.79 17.85
N GLN A 313 -1.44 4.80 18.59
CA GLN A 313 -0.59 5.89 19.08
C GLN A 313 0.11 6.62 17.94
N GLY A 314 -0.50 6.64 16.76
CA GLY A 314 0.09 7.32 15.62
C GLY A 314 1.27 6.62 14.99
N ARG A 315 1.51 5.35 15.33
CA ARG A 315 2.60 4.57 14.74
C ARG A 315 2.17 4.17 13.33
N LEU A 316 2.52 5.03 12.37
CA LEU A 316 1.98 4.95 11.01
C LEU A 316 3.14 4.96 10.03
N VAL A 317 3.19 3.95 9.16
CA VAL A 317 4.24 3.82 8.15
C VAL A 317 3.58 3.65 6.80
N LEU A 318 3.88 4.57 5.87
CA LEU A 318 3.35 4.52 4.52
C LEU A 318 4.43 4.06 3.55
N ALA A 319 4.02 3.32 2.52
CA ALA A 319 4.94 2.84 1.48
C ALA A 319 4.26 2.98 0.13
N LEU A 320 4.99 3.51 -0.84
CA LEU A 320 4.44 3.75 -2.17
C LEU A 320 4.04 2.45 -2.85
N GLU A 321 2.85 2.44 -3.43
CA GLU A 321 2.38 1.30 -4.20
C GLU A 321 2.20 1.75 -5.64
N GLY A 322 0.97 2.01 -6.08
CA GLY A 322 0.70 2.47 -7.43
C GLY A 322 0.58 3.98 -7.51
N GLY A 323 0.14 4.45 -8.67
CA GLY A 323 0.09 5.87 -8.96
C GLY A 323 0.96 6.20 -10.15
N TYR A 324 0.34 6.51 -11.28
CA TYR A 324 1.06 6.60 -12.54
C TYR A 324 0.90 7.91 -13.29
N ASN A 325 0.04 8.82 -12.81
CA ASN A 325 0.12 10.21 -13.23
C ASN A 325 1.20 10.87 -12.37
N LEU A 326 2.28 11.33 -13.02
CA LEU A 326 3.43 11.83 -12.27
C LEU A 326 3.05 12.99 -11.37
N GLN A 327 2.12 13.84 -11.83
CA GLN A 327 1.70 14.99 -11.03
C GLN A 327 0.70 14.59 -9.96
N SER A 328 -0.24 13.70 -10.30
CA SER A 328 -1.25 13.28 -9.33
C SER A 328 -0.62 12.52 -8.17
N THR A 329 0.33 11.63 -8.46
CA THR A 329 0.95 10.83 -7.42
C THR A 329 1.78 11.70 -6.47
N ALA A 330 2.56 12.63 -7.03
CA ALA A 330 3.36 13.51 -6.18
C ALA A 330 2.48 14.38 -5.31
N GLU A 331 1.35 14.83 -5.84
CA GLU A 331 0.42 15.64 -5.04
C GLU A 331 -0.19 14.81 -3.91
N GLY A 332 -0.46 13.53 -4.18
CA GLY A 332 -1.01 12.68 -3.14
C GLY A 332 0.00 12.41 -2.03
N VAL A 333 1.24 12.12 -2.40
CA VAL A 333 2.30 11.93 -1.41
C VAL A 333 2.47 13.19 -0.58
N CYS A 334 2.46 14.37 -1.23
CA CYS A 334 2.62 15.62 -0.51
C CYS A 334 1.46 15.85 0.45
N ALA A 335 0.23 15.59 0.00
CA ALA A 335 -0.93 15.76 0.88
C ALA A 335 -0.84 14.82 2.08
N SER A 336 -0.41 13.57 1.85
CA SER A 336 -0.21 12.65 2.97
C SER A 336 0.90 13.14 3.88
N MET A 337 1.98 13.66 3.30
CA MET A 337 3.13 14.10 4.09
C MET A 337 2.76 15.26 5.01
N ARG A 338 1.82 16.11 4.60
CA ARG A 338 1.43 17.22 5.46
C ARG A 338 0.71 16.73 6.71
N SER A 339 -0.12 15.70 6.58
CA SER A 339 -0.78 15.14 7.75
C SER A 339 0.22 14.45 8.66
N LEU A 340 1.19 13.73 8.07
CA LEU A 340 2.22 13.08 8.87
C LEU A 340 2.99 14.11 9.71
N LEU A 341 3.28 15.27 9.13
CA LEU A 341 4.04 16.31 9.81
C LEU A 341 3.17 17.14 10.77
N GLY A 342 1.88 16.89 10.84
CA GLY A 342 1.01 17.60 11.74
C GLY A 342 0.43 18.90 11.23
N ASP A 343 0.50 19.14 9.92
CA ASP A 343 -0.04 20.37 9.37
C ASP A 343 -1.58 20.30 9.37
N PRO A 344 -2.25 21.46 9.40
CA PRO A 344 -3.71 21.46 9.47
C PRO A 344 -4.34 20.76 8.27
N CYS A 345 -5.47 20.12 8.51
CA CYS A 345 -6.16 19.41 7.44
C CYS A 345 -6.66 20.42 6.40
N PRO A 346 -6.66 20.04 5.12
CA PRO A 346 -7.00 21.00 4.08
C PRO A 346 -8.50 21.13 3.88
N HIS A 347 -8.88 22.20 3.20
CA HIS A 347 -10.25 22.35 2.73
C HIS A 347 -10.46 21.47 1.50
N LEU A 348 -11.50 20.66 1.52
CA LEU A 348 -11.75 19.72 0.44
C LEU A 348 -12.76 20.30 -0.53
N PRO A 349 -12.44 20.41 -1.82
CA PRO A 349 -13.41 20.98 -2.77
C PRO A 349 -14.61 20.11 -3.02
N SER A 350 -14.47 18.79 -2.90
CA SER A 350 -15.58 17.88 -3.20
C SER A 350 -16.59 17.86 -2.05
N SER A 351 -17.78 17.35 -2.34
CA SER A 351 -18.84 17.27 -1.35
C SER A 351 -18.59 16.13 -0.39
N GLY A 352 -18.71 16.41 0.90
CA GLY A 352 -18.59 15.38 1.92
C GLY A 352 -19.68 14.34 1.92
N ALA A 353 -20.64 14.41 1.00
CA ALA A 353 -21.71 13.42 0.91
C ALA A 353 -21.32 12.32 -0.06
N PRO A 354 -21.37 11.05 0.35
CA PRO A 354 -21.03 9.98 -0.59
C PRO A 354 -22.12 9.78 -1.63
N CYS A 355 -21.75 9.09 -2.71
CA CYS A 355 -22.70 8.76 -3.76
C CYS A 355 -23.41 7.45 -3.43
N GLU A 356 -24.49 7.17 -4.18
CA GLU A 356 -25.31 6.00 -3.88
C GLU A 356 -24.55 4.70 -4.12
N SER A 357 -23.75 4.63 -5.18
CA SER A 357 -23.00 3.41 -5.47
C SER A 357 -21.99 3.12 -4.36
N ALA A 358 -21.36 4.15 -3.81
CA ALA A 358 -20.43 3.96 -2.71
C ALA A 358 -21.15 3.46 -1.46
N LEU A 359 -22.31 4.05 -1.15
CA LEU A 359 -23.08 3.59 0.00
C LEU A 359 -23.54 2.14 -0.18
N LYS A 360 -23.80 1.72 -1.42
CA LYS A 360 -24.16 0.34 -1.67
C LYS A 360 -22.98 -0.59 -1.39
N SER A 361 -21.78 -0.20 -1.80
CA SER A 361 -20.60 -1.02 -1.54
C SER A 361 -20.23 -0.99 -0.06
N ILE A 362 -20.41 0.17 0.59
CA ILE A 362 -20.16 0.26 2.03
C ILE A 362 -21.16 -0.60 2.79
N SER A 363 -22.44 -0.52 2.42
CA SER A 363 -23.46 -1.31 3.10
C SER A 363 -23.20 -2.81 2.93
N LYS A 364 -22.89 -3.24 1.71
CA LYS A 364 -22.64 -4.65 1.47
C LYS A 364 -21.43 -5.15 2.25
N THR A 365 -20.41 -4.31 2.40
CA THR A 365 -19.23 -4.72 3.15
C THR A 365 -19.52 -4.76 4.65
N ILE A 366 -20.32 -3.81 5.15
CA ILE A 366 -20.71 -3.85 6.55
C ILE A 366 -21.50 -5.12 6.85
N SER A 367 -22.33 -5.55 5.89
CA SER A 367 -23.09 -6.78 6.07
C SER A 367 -22.18 -8.00 6.12
N ASP A 368 -21.18 -8.05 5.25
CA ASP A 368 -20.28 -9.19 5.21
C ASP A 368 -19.37 -9.26 6.44
N LEU A 369 -19.22 -8.16 7.16
CA LEU A 369 -18.38 -8.12 8.36
C LEU A 369 -19.18 -7.88 9.63
N TYR A 370 -20.51 -7.80 9.54
CA TYR A 370 -21.32 -7.53 10.73
C TYR A 370 -21.13 -8.55 11.86
N PRO A 371 -21.05 -9.86 11.62
CA PRO A 371 -20.95 -10.81 12.73
C PRO A 371 -19.58 -10.89 13.38
N PHE A 372 -18.58 -10.13 12.92
CA PHE A 372 -17.24 -10.21 13.48
C PHE A 372 -16.80 -8.96 14.22
N TRP A 373 -17.54 -7.86 14.11
CA TRP A 373 -17.12 -6.58 14.70
C TRP A 373 -18.33 -5.89 15.30
N LYS A 374 -18.35 -5.76 16.63
CA LYS A 374 -19.49 -5.16 17.30
C LYS A 374 -19.67 -3.69 16.92
N SER A 375 -18.59 -3.01 16.53
CA SER A 375 -18.68 -1.61 16.13
C SER A 375 -19.50 -1.41 14.85
N LEU A 376 -19.84 -2.49 14.14
CA LEU A 376 -20.65 -2.39 12.94
C LEU A 376 -22.11 -2.75 13.17
N GLN A 377 -22.43 -3.44 14.27
CA GLN A 377 -23.81 -3.84 14.55
C GLN A 377 -24.68 -2.63 14.88
N THR A 378 -25.22 -1.97 13.86
CA THR A 378 -26.07 -0.81 14.06
C THR A 378 -27.22 -0.76 13.06
#